data_4A1U
#
_entry.id   4A1U
#
_cell.length_a   54.706
_cell.length_b   54.706
_cell.length_c   119.168
_cell.angle_alpha   90.00
_cell.angle_beta   90.00
_cell.angle_gamma   120.00
#
_symmetry.space_group_name_H-M   'P 31 2 1'
#
loop_
_entity.id
_entity.type
_entity.pdbx_description
1 polymer 'BCL-2-LIKE PROTEIN 1'
2 polymer 'ALPHA-BETA-FOLDAMER 2C'
3 non-polymer 'CHLORIDE ION'
4 non-polymer 'SULFATE ION'
5 water water
#
loop_
_entity_poly.entity_id
_entity_poly.type
_entity_poly.pdbx_seq_one_letter_code
_entity_poly.pdbx_strand_id
1 'polypeptide(L)'
;GPLGSMSQSNRELVVDFLSYKLSQKGYSWSQMAAVKQALREAGDEFELRYRRAFSDLTSQLHITPGTAYQSFEQVVNELF
RDGVNWGRIVAFFSFGGALCVESVDKEMQVLVSRIAAWMATYLNDHLEPWIQENGGWDTFVELYGNNAAAESRKGQER
;
A
2 'polypeptide(L)' (ACE)I(HT7)IAQ(B3E)LR(HR7)IGD(B3E)FN(B3A)YY(NH2) B
#
# COMPACT_ATOMS: atom_id res chain seq x y z
N MET A 6 25.65 -17.47 2.81
CA MET A 6 25.39 -16.09 3.29
C MET A 6 25.69 -15.02 2.23
N SER A 7 26.34 -15.43 1.15
CA SER A 7 26.78 -14.47 0.12
C SER A 7 25.63 -13.61 -0.38
N GLN A 8 24.53 -14.24 -0.78
CA GLN A 8 23.42 -13.49 -1.34
C GLN A 8 22.61 -12.76 -0.27
N SER A 9 22.51 -13.32 0.93
CA SER A 9 21.88 -12.61 2.03
C SER A 9 22.70 -11.35 2.37
N ASN A 10 24.02 -11.45 2.29
CA ASN A 10 24.89 -10.30 2.55
C ASN A 10 24.72 -9.22 1.49
N ARG A 11 24.69 -9.59 0.21
CA ARG A 11 24.40 -8.62 -0.82
C ARG A 11 23.04 -7.96 -0.56
N GLU A 12 22.05 -8.76 -0.17
CA GLU A 12 20.73 -8.23 0.07
C GLU A 12 20.68 -7.18 1.22
N LEU A 13 21.46 -7.44 2.26
CA LEU A 13 21.51 -6.55 3.42
C LEU A 13 22.17 -5.21 3.02
N VAL A 14 23.28 -5.33 2.31
CA VAL A 14 24.01 -4.17 1.77
C VAL A 14 23.08 -3.35 0.88
N VAL A 15 22.42 -4.00 -0.07
CA VAL A 15 21.54 -3.24 -0.97
C VAL A 15 20.38 -2.55 -0.23
N ASP A 16 19.80 -3.21 0.78
CA ASP A 16 18.73 -2.61 1.52
C ASP A 16 19.22 -1.33 2.23
N PHE A 17 20.38 -1.43 2.85
CA PHE A 17 20.90 -0.32 3.63
C PHE A 17 21.25 0.86 2.72
N LEU A 18 21.97 0.56 1.65
CA LEU A 18 22.33 1.62 0.70
C LEU A 18 21.11 2.25 0.06
N SER A 19 20.10 1.45 -0.26
CA SER A 19 18.90 2.00 -0.86
C SER A 19 18.25 2.99 0.11
N TYR A 20 18.18 2.60 1.39
CA TYR A 20 17.62 3.48 2.39
C TYR A 20 18.40 4.77 2.47
N LYS A 21 19.73 4.69 2.59
CA LYS A 21 20.51 5.90 2.80
CA LYS A 21 20.54 5.88 2.78
C LYS A 21 20.45 6.82 1.58
N LEU A 22 20.38 6.24 0.38
CA LEU A 22 20.20 7.05 -0.85
C LEU A 22 18.85 7.78 -0.83
N SER A 23 17.82 7.06 -0.42
CA SER A 23 16.45 7.59 -0.41
C SER A 23 16.34 8.78 0.53
N GLN A 24 17.09 8.78 1.63
CA GLN A 24 17.06 9.86 2.59
C GLN A 24 17.57 11.18 2.03
N LYS A 25 18.35 11.12 0.94
CA LYS A 25 18.94 12.28 0.34
C LYS A 25 18.25 12.60 -0.99
N GLY A 26 17.15 11.93 -1.26
CA GLY A 26 16.38 12.15 -2.48
C GLY A 26 16.92 11.43 -3.70
N TYR A 27 17.81 10.47 -3.48
CA TYR A 27 18.37 9.65 -4.54
C TYR A 27 17.75 8.26 -4.51
N SER A 28 18.11 7.40 -5.47
CA SER A 28 17.56 6.05 -5.51
C SER A 28 18.60 5.07 -6.02
N TRP A 29 18.55 3.87 -5.46
CA TRP A 29 19.37 2.76 -5.88
C TRP A 29 18.99 2.30 -7.30
N SER A 30 17.70 2.29 -7.59
CA SER A 30 17.17 1.81 -8.86
C SER A 30 15.77 2.32 -9.05
N GLN A 31 15.21 2.10 -10.23
CA GLN A 31 13.82 2.50 -10.45
C GLN A 31 12.88 1.74 -9.52
N MET A 32 13.13 0.46 -9.30
CA MET A 32 12.30 -0.31 -8.39
C MET A 32 12.37 0.26 -6.97
N ALA A 33 13.56 0.65 -6.54
CA ALA A 33 13.68 1.23 -5.20
C ALA A 33 12.91 2.52 -5.10
N ALA A 34 12.90 3.28 -6.19
CA ALA A 34 12.15 4.54 -6.22
C ALA A 34 10.65 4.27 -6.10
N VAL A 35 10.18 3.22 -6.77
CA VAL A 35 8.77 2.85 -6.68
C VAL A 35 8.45 2.46 -5.25
N LYS A 36 9.28 1.60 -4.65
CA LYS A 36 9.06 1.15 -3.30
C LYS A 36 8.99 2.32 -2.34
N GLN A 37 9.94 3.24 -2.46
CA GLN A 37 9.95 4.40 -1.59
C GLN A 37 8.72 5.30 -1.75
N ALA A 38 8.32 5.54 -2.99
CA ALA A 38 7.18 6.41 -3.26
C ALA A 38 5.93 5.75 -2.65
N LEU A 39 5.83 4.43 -2.74
CA LEU A 39 4.68 3.72 -2.21
C LEU A 39 4.67 3.74 -0.69
N ARG A 40 5.83 3.55 -0.06
CA ARG A 40 5.93 3.69 1.38
C ARG A 40 5.46 5.04 1.86
N GLU A 41 5.94 6.09 1.21
CA GLU A 41 5.59 7.45 1.58
C GLU A 41 4.09 7.72 1.33
N ALA A 42 3.57 7.22 0.21
CA ALA A 42 2.17 7.43 -0.13
C ALA A 42 1.29 6.72 0.89
N GLY A 43 1.69 5.51 1.28
CA GLY A 43 0.97 4.78 2.31
C GLY A 43 0.95 5.49 3.64
N ASP A 44 2.10 6.01 4.07
CA ASP A 44 2.14 6.77 5.31
C ASP A 44 1.14 7.94 5.25
N GLU A 45 1.14 8.67 4.15
CA GLU A 45 0.29 9.84 4.03
C GLU A 45 -1.21 9.47 3.94
N PHE A 46 -1.50 8.41 3.20
CA PHE A 46 -2.86 7.91 3.06
C PHE A 46 -3.39 7.56 4.46
N GLU A 47 -2.59 6.80 5.20
CA GLU A 47 -3.00 6.34 6.53
C GLU A 47 -3.17 7.51 7.52
N LEU A 48 -2.34 8.53 7.39
CA LEU A 48 -2.50 9.76 8.17
C LEU A 48 -3.83 10.43 7.88
N ARG A 49 -4.14 10.63 6.60
CA ARG A 49 -5.39 11.26 6.23
C ARG A 49 -6.58 10.40 6.68
N TYR A 50 -6.46 9.10 6.50
CA TYR A 50 -7.56 8.18 6.83
C TYR A 50 -7.82 8.20 8.33
N ARG A 51 -6.77 8.14 9.14
CA ARG A 51 -7.03 8.07 10.58
CA ARG A 51 -6.94 8.10 10.60
C ARG A 51 -7.53 9.39 11.15
N ARG A 52 -7.23 10.51 10.51
CA ARG A 52 -7.75 11.78 11.00
C ARG A 52 -9.21 11.99 10.65
N ALA A 53 -9.64 11.40 9.55
CA ALA A 53 -11.01 11.57 9.07
C ALA A 53 -11.96 10.47 9.51
N PHE A 54 -11.46 9.23 9.57
CA PHE A 54 -12.34 8.06 9.63
C PHE A 54 -12.08 7.07 10.76
N SER A 55 -10.89 7.07 11.34
CA SER A 55 -10.55 6.02 12.33
C SER A 55 -9.24 5.41 11.94
N ASP A 56 -8.53 4.85 12.92
CA ASP A 56 -7.39 4.02 12.57
C ASP A 56 -7.93 2.81 11.82
N LEU A 57 -7.42 2.62 10.60
CA LEU A 57 -7.88 1.54 9.75
CA LEU A 57 -7.85 1.52 9.75
C LEU A 57 -7.76 0.17 10.46
N THR A 58 -6.61 -0.12 11.04
CA THR A 58 -6.44 -1.44 11.69
C THR A 58 -7.48 -1.72 12.75
N SER A 59 -7.88 -0.68 13.49
CA SER A 59 -8.81 -0.86 14.59
C SER A 59 -10.18 -1.34 14.11
N GLN A 60 -10.50 -1.05 12.85
N GLN A 60 -10.53 -1.03 12.86
CA GLN A 60 -11.77 -1.42 12.23
CA GLN A 60 -11.88 -1.26 12.38
C GLN A 60 -11.80 -2.86 11.69
C GLN A 60 -12.18 -2.70 11.92
N LEU A 61 -10.68 -3.55 11.68
N LEU A 61 -11.12 -3.45 11.61
CA LEU A 61 -10.62 -4.85 11.02
CA LEU A 61 -11.24 -4.65 10.77
C LEU A 61 -10.83 -6.01 12.00
C LEU A 61 -11.98 -5.84 11.37
N HIS A 62 -11.50 -7.07 11.52
N HIS A 62 -11.21 -6.78 11.89
CA HIS A 62 -11.91 -8.23 12.34
CA HIS A 62 -11.67 -8.11 12.33
C HIS A 62 -11.67 -9.58 11.65
C HIS A 62 -11.18 -9.16 11.35
N ILE A 63 -10.52 -10.19 11.89
CA ILE A 63 -10.08 -11.35 11.10
C ILE A 63 -9.92 -12.66 11.90
N THR A 64 -10.21 -13.78 11.24
CA THR A 64 -9.85 -15.12 11.70
C THR A 64 -9.38 -15.92 10.50
N PRO A 65 -8.62 -17.01 10.73
CA PRO A 65 -8.10 -17.75 9.57
C PRO A 65 -9.20 -18.32 8.69
N GLY A 66 -10.34 -18.66 9.27
CA GLY A 66 -11.45 -19.22 8.50
C GLY A 66 -12.16 -18.29 7.55
N THR A 67 -12.09 -16.98 7.80
CA THR A 67 -12.79 -16.02 6.97
C THR A 67 -11.89 -14.90 6.44
N ALA A 68 -10.57 -15.07 6.52
CA ALA A 68 -9.63 -13.98 6.21
C ALA A 68 -9.77 -13.52 4.77
N TYR A 69 -9.94 -14.45 3.84
CA TYR A 69 -10.06 -14.02 2.45
C TYR A 69 -11.38 -13.29 2.24
N GLN A 70 -12.44 -13.76 2.88
CA GLN A 70 -13.74 -13.10 2.76
C GLN A 70 -13.61 -11.64 3.18
N SER A 71 -12.87 -11.41 4.27
CA SER A 71 -12.62 -10.05 4.76
C SER A 71 -11.87 -9.21 3.75
N PHE A 72 -10.84 -9.81 3.16
CA PHE A 72 -10.02 -9.10 2.18
C PHE A 72 -10.84 -8.74 0.94
N GLU A 73 -11.53 -9.74 0.40
CA GLU A 73 -12.25 -9.63 -0.87
C GLU A 73 -13.40 -8.64 -0.76
N GLN A 74 -14.11 -8.65 0.36
CA GLN A 74 -15.26 -7.78 0.50
C GLN A 74 -14.83 -6.32 0.38
N VAL A 75 -13.69 -5.99 0.99
CA VAL A 75 -13.20 -4.61 0.94
C VAL A 75 -12.63 -4.27 -0.45
N VAL A 76 -11.75 -5.13 -0.97
CA VAL A 76 -11.05 -4.84 -2.20
C VAL A 76 -12.03 -4.76 -3.37
N ASN A 77 -13.01 -5.65 -3.42
CA ASN A 77 -13.97 -5.61 -4.53
C ASN A 77 -14.84 -4.33 -4.51
N GLU A 78 -15.19 -3.85 -3.32
CA GLU A 78 -15.96 -2.62 -3.22
C GLU A 78 -15.08 -1.41 -3.57
N LEU A 79 -13.83 -1.44 -3.13
CA LEU A 79 -12.90 -0.33 -3.42
C LEU A 79 -12.79 -0.06 -4.92
N PHE A 80 -12.69 -1.13 -5.70
CA PHE A 80 -12.49 -1.03 -7.15
C PHE A 80 -13.76 -1.32 -7.98
N ARG A 81 -14.93 -1.30 -7.35
CA ARG A 81 -16.17 -1.75 -7.98
C ARG A 81 -16.44 -1.07 -9.31
N ASP A 82 -16.16 0.21 -9.37
CA ASP A 82 -16.42 1.00 -10.58
C ASP A 82 -15.16 1.56 -11.24
N GLY A 83 -14.01 0.96 -10.93
CA GLY A 83 -12.80 1.32 -11.63
C GLY A 83 -11.60 1.53 -10.73
N VAL A 84 -10.50 1.86 -11.39
CA VAL A 84 -9.19 2.01 -10.78
C VAL A 84 -8.67 3.42 -10.95
N ASN A 85 -7.97 3.91 -9.93
CA ASN A 85 -7.15 5.11 -10.07
C ASN A 85 -5.98 5.00 -9.09
N TRP A 86 -5.00 5.88 -9.18
CA TRP A 86 -3.79 5.74 -8.36
C TRP A 86 -4.08 5.87 -6.85
N GLY A 87 -5.04 6.75 -6.49
CA GLY A 87 -5.43 6.90 -5.10
C GLY A 87 -5.98 5.62 -4.52
N ARG A 88 -6.81 4.93 -5.29
CA ARG A 88 -7.35 3.64 -4.86
C ARG A 88 -6.28 2.57 -4.78
N ILE A 89 -5.28 2.63 -5.65
CA ILE A 89 -4.18 1.67 -5.57
C ILE A 89 -3.41 1.88 -4.25
N VAL A 90 -3.17 3.13 -3.88
CA VAL A 90 -2.53 3.38 -2.58
C VAL A 90 -3.43 2.85 -1.45
N ALA A 91 -4.73 3.08 -1.53
CA ALA A 91 -5.65 2.59 -0.53
C ALA A 91 -5.57 1.09 -0.38
N PHE A 92 -5.43 0.42 -1.51
CA PHE A 92 -5.34 -1.05 -1.55
C PHE A 92 -4.11 -1.52 -0.77
N PHE A 93 -2.97 -0.91 -1.04
CA PHE A 93 -1.77 -1.26 -0.29
C PHE A 93 -1.94 -0.98 1.20
N SER A 94 -2.41 0.22 1.55
CA SER A 94 -2.62 0.56 2.95
C SER A 94 -3.59 -0.41 3.63
N PHE A 95 -4.68 -0.78 2.97
CA PHE A 95 -5.61 -1.76 3.54
C PHE A 95 -4.89 -3.10 3.81
N GLY A 96 -4.14 -3.60 2.85
CA GLY A 96 -3.43 -4.86 3.05
C GLY A 96 -2.47 -4.74 4.23
N GLY A 97 -1.75 -3.63 4.32
CA GLY A 97 -0.86 -3.41 5.46
C GLY A 97 -1.60 -3.46 6.79
N ALA A 98 -2.75 -2.81 6.83
CA ALA A 98 -3.54 -2.76 8.05
C ALA A 98 -4.08 -4.15 8.42
N LEU A 99 -4.45 -4.91 7.41
CA LEU A 99 -4.94 -6.28 7.60
C LEU A 99 -3.82 -7.16 8.17
N CYS A 100 -2.59 -6.96 7.71
CA CYS A 100 -1.45 -7.71 8.25
C CYS A 100 -1.18 -7.29 9.68
N VAL A 101 -1.23 -6.00 9.97
CA VAL A 101 -0.98 -5.55 11.33
C VAL A 101 -2.05 -6.09 12.28
N GLU A 102 -3.32 -6.04 11.87
CA GLU A 102 -4.40 -6.59 12.69
C GLU A 102 -4.16 -8.07 12.93
N SER A 103 -3.75 -8.79 11.88
CA SER A 103 -3.51 -10.23 12.04
C SER A 103 -2.45 -10.48 13.11
N VAL A 104 -1.33 -9.76 13.04
CA VAL A 104 -0.26 -9.97 14.03
C VAL A 104 -0.72 -9.52 15.42
N ASP A 105 -1.50 -8.43 15.50
CA ASP A 105 -2.07 -7.98 16.78
C ASP A 105 -2.84 -9.11 17.47
N LYS A 106 -3.52 -9.93 16.65
CA LYS A 106 -4.33 -11.04 17.12
C LYS A 106 -3.57 -12.35 17.22
N GLU A 107 -2.24 -12.28 17.18
CA GLU A 107 -1.37 -13.46 17.28
C GLU A 107 -1.56 -14.38 16.09
N MET A 108 -1.94 -13.80 14.95
CA MET A 108 -2.17 -14.59 13.73
C MET A 108 -1.23 -14.23 12.59
N GLN A 109 0.06 -14.13 12.89
CA GLN A 109 1.02 -13.90 11.83
C GLN A 109 0.97 -14.95 10.71
N VAL A 110 0.40 -16.12 10.98
CA VAL A 110 0.21 -17.13 9.95
C VAL A 110 -0.53 -16.57 8.71
N LEU A 111 -1.33 -15.53 8.90
CA LEU A 111 -2.14 -14.98 7.81
C LEU A 111 -1.36 -14.01 6.93
N VAL A 112 -0.22 -13.51 7.42
CA VAL A 112 0.50 -12.45 6.67
C VAL A 112 0.95 -12.91 5.28
N SER A 113 1.52 -14.10 5.18
N SER A 113 1.52 -14.10 5.18
CA SER A 113 1.98 -14.61 3.89
CA SER A 113 1.96 -14.63 3.89
C SER A 113 0.83 -14.80 2.90
C SER A 113 0.82 -14.78 2.91
N ARG A 114 -0.34 -15.19 3.41
CA ARG A 114 -1.52 -15.40 2.60
C ARG A 114 -2.00 -14.06 2.05
N ILE A 115 -2.06 -13.05 2.92
CA ILE A 115 -2.48 -11.72 2.50
C ILE A 115 -1.54 -11.19 1.44
N ALA A 116 -0.23 -11.36 1.63
CA ALA A 116 0.73 -10.88 0.63
C ALA A 116 0.47 -11.54 -0.71
N ALA A 117 0.20 -12.84 -0.70
CA ALA A 117 -0.11 -13.53 -1.94
C ALA A 117 -1.38 -13.01 -2.62
N TRP A 118 -2.40 -12.72 -1.83
CA TRP A 118 -3.68 -12.28 -2.37
C TRP A 118 -3.45 -10.90 -3.01
N MET A 119 -2.63 -10.09 -2.35
CA MET A 119 -2.35 -8.75 -2.86
C MET A 119 -1.58 -8.83 -4.19
N ALA A 120 -0.55 -9.67 -4.22
CA ALA A 120 0.25 -9.79 -5.44
C ALA A 120 -0.60 -10.31 -6.59
N THR A 121 -1.47 -11.28 -6.31
CA THR A 121 -2.34 -11.82 -7.33
C THR A 121 -3.32 -10.78 -7.84
N TYR A 122 -3.89 -10.00 -6.94
CA TYR A 122 -4.87 -8.99 -7.34
C TYR A 122 -4.19 -7.90 -8.17
N LEU A 123 -2.99 -7.51 -7.73
CA LEU A 123 -2.18 -6.53 -8.47
CA LEU A 123 -2.19 -6.52 -8.45
C LEU A 123 -1.91 -7.02 -9.87
N ASN A 124 -1.46 -8.26 -9.98
CA ASN A 124 -1.16 -8.84 -11.29
C ASN A 124 -2.37 -8.95 -12.19
N ASP A 125 -3.49 -9.46 -11.66
CA ASP A 125 -4.65 -9.81 -12.48
C ASP A 125 -5.58 -8.62 -12.72
N HIS A 126 -5.67 -7.69 -11.77
CA HIS A 126 -6.75 -6.70 -11.78
C HIS A 126 -6.33 -5.26 -11.67
N LEU A 127 -5.06 -5.01 -11.36
CA LEU A 127 -4.58 -3.62 -11.28
C LEU A 127 -3.57 -3.33 -12.38
N GLU A 128 -2.64 -4.25 -12.60
CA GLU A 128 -1.64 -4.07 -13.65
C GLU A 128 -2.20 -3.75 -15.03
N PRO A 129 -3.33 -4.36 -15.45
CA PRO A 129 -3.83 -3.96 -16.78
C PRO A 129 -4.12 -2.47 -16.88
N TRP A 130 -4.66 -1.89 -15.81
CA TRP A 130 -4.91 -0.44 -15.76
C TRP A 130 -3.60 0.34 -15.65
N ILE A 131 -2.73 -0.07 -14.70
CA ILE A 131 -1.42 0.57 -14.54
C ILE A 131 -0.68 0.72 -15.89
N GLN A 132 -0.69 -0.35 -16.68
CA GLN A 132 0.08 -0.37 -17.92
C GLN A 132 -0.53 0.44 -19.04
N GLU A 133 -1.74 0.98 -18.84
CA GLU A 133 -2.37 1.92 -19.78
C GLU A 133 -2.45 3.34 -19.24
N ASN A 134 -2.06 3.54 -17.97
CA ASN A 134 -2.14 4.86 -17.34
C ASN A 134 -0.82 5.41 -16.87
N GLY A 135 0.24 5.02 -17.54
CA GLY A 135 1.55 5.64 -17.33
C GLY A 135 2.54 4.73 -16.63
N GLY A 136 2.08 3.59 -16.12
CA GLY A 136 2.94 2.64 -15.44
C GLY A 136 3.45 3.13 -14.11
N TRP A 137 4.26 2.31 -13.46
CA TRP A 137 4.84 2.69 -12.19
C TRP A 137 5.74 3.95 -12.31
N ASP A 138 6.31 4.22 -13.48
CA ASP A 138 7.05 5.47 -13.69
C ASP A 138 6.17 6.70 -13.38
N THR A 139 4.92 6.68 -13.89
CA THR A 139 3.97 7.73 -13.63
C THR A 139 3.63 7.79 -12.14
N PHE A 140 3.50 6.63 -11.49
CA PHE A 140 3.27 6.64 -10.05
C PHE A 140 4.39 7.40 -9.35
N VAL A 141 5.62 7.14 -9.71
CA VAL A 141 6.75 7.82 -9.07
C VAL A 141 6.76 9.33 -9.39
N GLU A 142 6.43 9.69 -10.64
CA GLU A 142 6.34 11.08 -11.03
C GLU A 142 5.28 11.79 -10.16
N LEU A 143 4.18 11.10 -9.89
CA LEU A 143 3.07 11.72 -9.17
C LEU A 143 3.20 11.70 -7.64
N TYR A 144 3.83 10.67 -7.09
CA TYR A 144 3.81 10.46 -5.63
C TYR A 144 5.18 10.46 -4.99
N GLY A 145 6.22 10.44 -5.80
CA GLY A 145 7.57 10.37 -5.27
C GLY A 145 7.98 11.71 -4.68
N ASN A 146 9.06 11.69 -3.92
CA ASN A 146 9.52 12.85 -3.16
C ASN A 146 8.43 13.33 -2.20
N ASN A 147 7.75 12.35 -1.60
CA ASN A 147 6.73 12.59 -0.56
C ASN A 147 5.69 13.59 -1.05
N ALA A 148 5.31 13.47 -2.32
CA ALA A 148 4.53 14.52 -2.98
C ALA A 148 3.15 14.77 -2.35
N ALA A 149 2.46 13.69 -1.98
CA ALA A 149 1.11 13.84 -1.46
C ALA A 149 1.15 14.60 -0.12
N ALA A 150 2.11 14.25 0.74
CA ALA A 150 2.24 14.92 2.04
C ALA A 150 2.65 16.38 1.84
N GLU A 151 3.58 16.59 0.92
CA GLU A 151 4.06 17.94 0.59
C GLU A 151 2.91 18.83 0.11
N SER A 152 2.00 18.28 -0.69
CA SER A 152 0.87 19.09 -1.17
C SER A 152 -0.06 19.45 -0.02
N ARG A 153 -0.41 18.48 0.82
CA ARG A 153 -1.28 18.77 1.96
CA ARG A 153 -1.27 18.75 1.98
C ARG A 153 -0.69 19.86 2.84
N LYS A 154 0.59 19.73 3.17
CA LYS A 154 1.22 20.69 4.08
C LYS A 154 1.38 22.08 3.46
N GLY A 155 1.46 22.14 2.14
CA GLY A 155 1.46 23.41 1.45
C GLY A 155 0.16 24.16 1.64
N ILE B 2 -17.82 -3.18 3.36
CA ILE B 2 -18.31 -2.15 2.44
C ILE B 2 -18.27 -0.76 3.10
N ILE B 4 -15.70 0.39 5.65
CA ILE B 4 -14.28 0.59 5.37
C ILE B 4 -14.04 0.98 3.91
N ALA B 5 -14.59 0.20 2.99
CA ALA B 5 -14.27 0.41 1.58
C ALA B 5 -14.78 1.73 1.05
N GLN B 6 -15.99 2.12 1.44
CA GLN B 6 -16.58 3.37 0.96
C GLN B 6 -15.82 4.56 1.51
N LEU B 8 -12.06 4.13 2.37
CA LEU B 8 -10.94 4.01 1.42
C LEU B 8 -11.20 4.78 0.13
N ARG B 9 -12.43 4.70 -0.41
CA ARG B 9 -12.74 5.33 -1.70
C ARG B 9 -12.88 6.82 -1.47
N ILE B 11 -10.91 8.79 1.13
CA ILE B 11 -9.50 9.20 1.02
C ILE B 11 -8.90 8.96 -0.35
N GLY B 12 -9.13 7.79 -0.94
CA GLY B 12 -8.44 7.42 -2.17
C GLY B 12 -8.78 8.34 -3.34
N ASP B 13 -10.04 8.69 -3.49
CA ASP B 13 -10.46 9.51 -4.63
C ASP B 13 -10.08 10.99 -4.42
N PHE B 15 -6.80 11.51 -2.58
CA PHE B 15 -5.42 11.14 -2.86
C PHE B 15 -5.03 10.98 -4.31
N ASN B 16 -6.01 10.86 -5.17
CA ASN B 16 -5.78 10.54 -6.58
C ASN B 16 -5.26 11.70 -7.41
N TYR B 18 -2.93 13.25 -12.38
CA TYR B 18 -2.49 14.29 -13.31
C TYR B 18 -3.41 15.51 -13.37
N TYR B 19 -4.70 15.30 -13.15
CA TYR B 19 -5.69 16.39 -13.27
C TYR B 19 -5.86 17.15 -11.97
#